data_3QRK
#
_entry.id   3QRK
#
_cell.length_a   59.783
_cell.length_b   116.915
_cell.length_c   78.837
_cell.angle_alpha   90.00
_cell.angle_beta   90.00
_cell.angle_gamma   90.00
#
_symmetry.space_group_name_H-M   'C 2 2 21'
#
loop_
_entity.id
_entity.type
_entity.pdbx_description
1 polymer 'Tyrosine-protein kinase ABL1'
2 non-polymer '(3S)-6-(3-tert-butyl-5-{[(2,3-dichlorophenyl)carbamoyl]amino}-1H-pyrazol-1-yl)-1,2,3,4-tetrahydroisoquinoline-3-carboxylic acid'
3 water water
#
_entity_poly.entity_id   1
_entity_poly.type   'polypeptide(L)'
_entity_poly.pdbx_seq_one_letter_code
;TSMDPSSPNYDKWEMERTDITMKHKLGGGQYGEVYEGVWKKYSLTVAVKTLKEDTMEVEEFLKEAAVMKEIKHPNLVQLL
GVCTREPPFYIITEFMTYGNLLDYLRECNRQEVNAVVLLYMATQISSAMEYLEKKNFIHRDLAARNCLVGENHLVKVADF
GLSRLMTGDTYTAHAGAKFPIKWTAPESLAYNKFSIKSDVWAFGVLLWEIATYGMSPYPGIDLSQVYELLEKDYRMERPE
GCPEKVYELMRACWQWNPSDRPSFAEIHQAFETMFQE
;
_entity_poly.pdbx_strand_id   A
#
loop_
_chem_comp.id
_chem_comp.type
_chem_comp.name
_chem_comp.formula
9DP non-polymer '(3S)-6-(3-tert-butyl-5-{[(2,3-dichlorophenyl)carbamoyl]amino}-1H-pyrazol-1-yl)-1,2,3,4-tetrahydroisoquinoline-3-carboxylic acid' 'C24 H25 Cl2 N5 O3'
#
# COMPACT_ATOMS: atom_id res chain seq x y z
N PRO A 5 -10.61 -14.94 -28.14
CA PRO A 5 -10.45 -16.25 -27.52
C PRO A 5 -9.93 -17.34 -28.48
N SER A 6 -10.40 -17.30 -29.74
CA SER A 6 -10.03 -18.28 -30.79
C SER A 6 -8.53 -18.56 -30.89
N SER A 7 -7.72 -17.57 -30.53
CA SER A 7 -6.27 -17.63 -30.66
C SER A 7 -5.71 -18.80 -29.85
N PRO A 8 -4.80 -19.60 -30.46
CA PRO A 8 -4.18 -20.76 -29.81
C PRO A 8 -3.32 -20.36 -28.61
N ASN A 9 -2.37 -19.46 -28.85
CA ASN A 9 -1.45 -19.01 -27.79
C ASN A 9 -2.18 -18.23 -26.69
N TYR A 10 -2.73 -17.08 -27.07
CA TYR A 10 -3.71 -16.30 -26.27
C TYR A 10 -3.19 -15.72 -24.96
N ASP A 11 -3.63 -14.49 -24.69
CA ASP A 11 -3.45 -13.83 -23.40
C ASP A 11 -4.65 -12.91 -23.20
N LYS A 12 -5.49 -13.25 -22.23
CA LYS A 12 -6.68 -12.45 -21.94
C LYS A 12 -6.38 -11.05 -21.38
N TRP A 13 -5.15 -10.83 -20.95
CA TRP A 13 -4.76 -9.55 -20.36
C TRP A 13 -4.26 -8.54 -21.39
N GLU A 14 -3.66 -9.04 -22.48
CA GLU A 14 -3.10 -8.19 -23.52
C GLU A 14 -4.21 -7.50 -24.31
N MET A 15 -4.05 -6.20 -24.55
CA MET A 15 -5.00 -5.42 -25.34
C MET A 15 -4.42 -4.20 -26.09
N GLU A 16 -5.28 -3.44 -26.76
CA GLU A 16 -4.84 -2.43 -27.74
C GLU A 16 -4.47 -1.08 -27.14
N ARG A 17 -3.18 -0.74 -27.25
CA ARG A 17 -2.62 0.55 -26.87
C ARG A 17 -3.46 1.78 -27.27
N THR A 18 -4.03 1.73 -28.47
CA THR A 18 -4.78 2.86 -29.05
C THR A 18 -6.17 3.02 -28.44
N ASP A 19 -6.56 2.07 -27.58
CA ASP A 19 -7.78 2.20 -26.78
C ASP A 19 -7.62 3.24 -25.68
N ILE A 20 -6.40 3.38 -25.19
CA ILE A 20 -6.09 4.26 -24.05
C ILE A 20 -5.60 5.60 -24.57
N THR A 21 -6.17 6.68 -24.06
CA THR A 21 -5.62 8.01 -24.28
C THR A 21 -4.90 8.46 -22.99
N MET A 22 -3.60 8.69 -23.13
CA MET A 22 -2.71 9.01 -22.03
C MET A 22 -2.69 10.49 -21.75
N LYS A 23 -3.02 10.84 -20.52
CA LYS A 23 -2.96 12.22 -20.03
C LYS A 23 -1.63 12.46 -19.29
N HIS A 24 -1.58 13.42 -18.37
CA HIS A 24 -0.31 13.72 -17.71
C HIS A 24 0.03 12.71 -16.61
N LYS A 25 1.23 12.85 -16.04
CA LYS A 25 1.70 11.92 -15.02
C LYS A 25 0.94 12.18 -13.74
N LEU A 26 0.81 11.14 -12.93
CA LEU A 26 0.13 11.24 -11.63
C LEU A 26 1.04 11.68 -10.48
N GLY A 27 0.39 12.20 -9.44
CA GLY A 27 1.09 12.65 -8.24
C GLY A 27 2.29 13.51 -8.59
N GLY A 28 2.12 14.33 -9.63
CA GLY A 28 3.16 15.23 -10.09
C GLY A 28 4.30 14.51 -10.77
N GLY A 29 4.91 13.57 -10.03
CA GLY A 29 6.03 12.81 -10.53
C GLY A 29 6.61 11.91 -9.47
N GLN A 30 6.27 12.18 -8.21
CA GLN A 30 6.92 11.47 -7.09
C GLN A 30 6.37 10.05 -6.82
N TYR A 31 5.61 9.52 -7.79
CA TYR A 31 5.08 8.16 -7.76
C TYR A 31 5.58 7.39 -8.99
N GLY A 32 6.52 7.99 -9.71
CA GLY A 32 7.12 7.39 -10.89
C GLY A 32 6.28 7.54 -12.15
N GLU A 33 6.52 6.63 -13.10
CA GLU A 33 5.92 6.68 -14.43
C GLU A 33 4.52 6.08 -14.47
N VAL A 34 3.64 6.69 -13.69
CA VAL A 34 2.25 6.29 -13.57
C VAL A 34 1.39 7.45 -14.06
N TYR A 35 0.58 7.19 -15.09
CA TYR A 35 -0.16 8.23 -15.78
C TYR A 35 -1.66 8.18 -15.57
N GLU A 36 -2.32 9.33 -15.71
CA GLU A 36 -3.76 9.33 -15.92
C GLU A 36 -4.00 8.95 -17.39
N GLY A 37 -5.02 8.13 -17.63
CA GLY A 37 -5.44 7.76 -18.96
C GLY A 37 -6.95 7.66 -19.04
N VAL A 38 -7.49 7.63 -20.26
CA VAL A 38 -8.90 7.26 -20.46
C VAL A 38 -8.96 6.07 -21.43
N TRP A 39 -9.65 5.02 -21.01
CA TRP A 39 -9.92 3.90 -21.89
C TRP A 39 -11.23 4.17 -22.63
N LYS A 40 -11.15 4.99 -23.67
CA LYS A 40 -12.33 5.65 -24.27
C LYS A 40 -13.58 4.80 -24.51
N LYS A 41 -13.41 3.58 -25.02
CA LYS A 41 -14.53 2.76 -25.45
C LYS A 41 -15.42 2.32 -24.26
N TYR A 42 -14.89 2.52 -23.06
CA TYR A 42 -15.60 2.22 -21.82
C TYR A 42 -15.89 3.48 -21.03
N SER A 43 -15.44 4.63 -21.54
CA SER A 43 -15.51 5.90 -20.80
C SER A 43 -14.91 5.80 -19.36
N LEU A 44 -13.89 4.93 -19.24
CA LEU A 44 -13.26 4.67 -17.96
C LEU A 44 -11.92 5.38 -17.82
N THR A 45 -11.77 6.12 -16.73
CA THR A 45 -10.47 6.69 -16.38
C THR A 45 -9.60 5.59 -15.80
N VAL A 46 -8.34 5.57 -16.21
CA VAL A 46 -7.41 4.53 -15.77
C VAL A 46 -6.10 5.10 -15.27
N ALA A 47 -5.31 4.26 -14.59
CA ALA A 47 -3.97 4.63 -14.18
C ALA A 47 -3.03 3.71 -14.91
N VAL A 48 -2.10 4.31 -15.64
CA VAL A 48 -1.22 3.53 -16.51
C VAL A 48 0.24 3.68 -16.12
N LYS A 49 0.87 2.53 -15.93
CA LYS A 49 2.28 2.50 -15.59
C LYS A 49 3.07 2.05 -16.82
N THR A 50 3.96 2.92 -17.30
CA THR A 50 4.71 2.64 -18.52
C THR A 50 6.19 2.33 -18.26
N LEU A 51 6.81 1.70 -19.26
CA LEU A 51 8.24 1.38 -19.25
C LEU A 51 8.90 1.87 -20.56
N LYS A 52 9.82 2.83 -20.45
CA LYS A 52 10.58 3.30 -21.62
C LYS A 52 11.95 2.60 -21.77
N GLU A 53 12.74 3.07 -22.76
CA GLU A 53 13.98 2.41 -23.23
C GLU A 53 13.75 0.98 -23.71
N ASP A 54 14.74 0.41 -24.38
CA ASP A 54 14.77 -1.04 -24.59
C ASP A 54 14.87 -1.67 -23.19
N THR A 55 15.90 -1.27 -22.44
CA THR A 55 16.17 -1.68 -21.06
C THR A 55 15.97 -3.15 -20.70
N MET A 56 16.66 -3.57 -19.63
CA MET A 56 16.43 -4.86 -18.99
C MET A 56 15.94 -4.64 -17.56
N GLU A 57 15.51 -3.40 -17.32
CA GLU A 57 14.59 -3.06 -16.24
C GLU A 57 13.25 -3.73 -16.58
N VAL A 58 13.11 -4.14 -17.84
CA VAL A 58 11.94 -4.86 -18.37
C VAL A 58 11.51 -6.08 -17.55
N GLU A 59 12.46 -6.72 -16.88
CA GLU A 59 12.20 -7.94 -16.11
C GLU A 59 11.25 -7.65 -14.95
N GLU A 60 11.54 -6.58 -14.21
CA GLU A 60 10.73 -6.13 -13.07
C GLU A 60 9.28 -5.82 -13.46
N PHE A 61 9.14 -5.05 -14.53
CA PHE A 61 7.84 -4.70 -15.07
C PHE A 61 7.01 -5.96 -15.26
N LEU A 62 7.64 -7.00 -15.80
CA LEU A 62 6.95 -8.22 -16.11
C LEU A 62 6.70 -9.08 -14.87
N LYS A 63 7.52 -8.90 -13.85
CA LYS A 63 7.26 -9.48 -12.54
C LYS A 63 5.99 -8.85 -11.98
N GLU A 64 5.99 -7.53 -11.87
CA GLU A 64 4.84 -6.78 -11.36
C GLU A 64 3.51 -7.21 -12.01
N ALA A 65 3.44 -7.15 -13.33
CA ALA A 65 2.28 -7.66 -14.10
C ALA A 65 1.88 -9.12 -13.83
N ALA A 66 2.86 -9.99 -13.68
CA ALA A 66 2.60 -11.39 -13.33
C ALA A 66 2.01 -11.54 -11.92
N VAL A 67 2.55 -10.79 -10.96
CA VAL A 67 1.95 -10.73 -9.61
C VAL A 67 0.47 -10.29 -9.67
N MET A 68 0.17 -9.24 -10.44
CA MET A 68 -1.14 -8.56 -10.38
C MET A 68 -2.26 -9.35 -11.02
N LYS A 69 -1.92 -10.17 -12.01
CA LYS A 69 -2.86 -11.14 -12.60
C LYS A 69 -3.40 -12.12 -11.57
N GLU A 70 -2.58 -12.48 -10.59
CA GLU A 70 -2.99 -13.38 -9.50
C GLU A 70 -3.98 -12.77 -8.50
N ILE A 71 -3.93 -11.45 -8.30
CA ILE A 71 -4.62 -10.76 -7.18
C ILE A 71 -6.00 -10.21 -7.53
N LYS A 72 -7.00 -10.66 -6.79
CA LYS A 72 -8.40 -10.45 -7.12
C LYS A 72 -9.20 -10.22 -5.84
N HIS A 73 -9.37 -8.95 -5.47
CA HIS A 73 -10.02 -8.58 -4.23
C HIS A 73 -10.48 -7.14 -4.34
N PRO A 74 -11.69 -6.84 -3.85
CA PRO A 74 -12.19 -5.45 -3.93
C PRO A 74 -11.28 -4.40 -3.26
N ASN A 75 -10.51 -4.80 -2.25
CA ASN A 75 -9.58 -3.86 -1.58
C ASN A 75 -8.09 -3.99 -2.00
N LEU A 76 -7.84 -4.53 -3.17
CA LEU A 76 -6.51 -4.62 -3.73
C LEU A 76 -6.57 -4.04 -5.13
N VAL A 77 -5.52 -3.34 -5.51
CA VAL A 77 -5.40 -2.78 -6.86
C VAL A 77 -5.66 -3.93 -7.85
N GLN A 78 -6.45 -3.67 -8.89
CA GLN A 78 -6.83 -4.74 -9.83
C GLN A 78 -6.33 -4.44 -11.22
N LEU A 79 -5.55 -5.39 -11.75
CA LEU A 79 -5.13 -5.39 -13.15
C LEU A 79 -6.31 -5.42 -14.10
N LEU A 80 -6.37 -4.46 -15.03
CA LEU A 80 -7.41 -4.42 -16.07
C LEU A 80 -6.91 -4.95 -17.45
N GLY A 81 -5.60 -4.92 -17.65
CA GLY A 81 -4.98 -5.37 -18.87
C GLY A 81 -3.54 -4.91 -18.96
N VAL A 82 -2.79 -5.43 -19.94
CA VAL A 82 -1.40 -5.01 -20.22
C VAL A 82 -1.15 -4.76 -21.73
N CYS A 83 -0.01 -4.17 -22.04
CA CYS A 83 0.47 -4.01 -23.41
C CYS A 83 1.95 -4.32 -23.39
N THR A 84 2.35 -5.48 -23.92
CA THR A 84 3.75 -5.92 -23.83
C THR A 84 4.42 -6.14 -25.21
N ARG A 85 3.64 -5.97 -26.28
CA ARG A 85 4.13 -6.22 -27.63
C ARG A 85 5.29 -5.29 -27.97
N GLU A 86 5.02 -3.99 -27.90
CA GLU A 86 5.95 -2.96 -28.34
C GLU A 86 6.07 -1.86 -27.29
N PRO A 87 7.21 -1.17 -27.24
CA PRO A 87 7.38 -0.03 -26.34
C PRO A 87 6.43 1.16 -26.57
N PRO A 88 5.96 1.82 -25.49
CA PRO A 88 6.22 1.39 -24.12
C PRO A 88 5.31 0.24 -23.69
N PHE A 89 5.78 -0.54 -22.74
CA PHE A 89 4.91 -1.54 -22.11
C PHE A 89 3.98 -0.79 -21.16
N TYR A 90 2.77 -1.33 -20.99
CA TYR A 90 1.74 -0.73 -20.15
C TYR A 90 1.17 -1.72 -19.16
N ILE A 91 1.20 -1.32 -17.89
CA ILE A 91 0.29 -1.90 -16.89
C ILE A 91 -0.90 -0.94 -16.68
N ILE A 92 -2.10 -1.50 -16.81
CA ILE A 92 -3.35 -0.69 -16.72
C ILE A 92 -4.26 -1.18 -15.59
N THR A 93 -4.65 -0.24 -14.72
CA THR A 93 -5.52 -0.49 -13.57
C THR A 93 -6.61 0.57 -13.54
N GLU A 94 -7.64 0.38 -12.72
CA GLU A 94 -8.63 1.44 -12.54
C GLU A 94 -8.03 2.62 -11.74
N PHE A 95 -8.34 3.81 -12.21
CA PHE A 95 -7.98 5.02 -11.53
C PHE A 95 -8.78 5.17 -10.24
N MET A 96 -8.08 5.24 -9.11
CA MET A 96 -8.70 5.59 -7.84
C MET A 96 -8.70 7.12 -7.73
N THR A 97 -9.90 7.70 -7.79
CA THR A 97 -10.03 9.12 -8.08
C THR A 97 -9.49 10.07 -7.03
N TYR A 98 -9.43 9.65 -5.77
CA TYR A 98 -8.95 10.54 -4.71
C TYR A 98 -7.47 10.39 -4.34
N GLY A 99 -6.74 9.58 -5.10
CA GLY A 99 -5.30 9.42 -4.92
C GLY A 99 -4.89 8.65 -3.67
N ASN A 100 -3.64 8.82 -3.25
CA ASN A 100 -3.11 8.09 -2.11
C ASN A 100 -3.74 8.48 -0.78
N LEU A 101 -3.76 7.51 0.12
CA LEU A 101 -4.45 7.63 1.40
C LEU A 101 -3.82 8.60 2.41
N LEU A 102 -2.50 8.69 2.43
CA LEU A 102 -1.80 9.67 3.25
C LEU A 102 -2.26 11.11 3.00
N ASP A 103 -2.10 11.55 1.77
CA ASP A 103 -2.60 12.87 1.34
C ASP A 103 -4.11 13.05 1.47
N TYR A 104 -4.86 11.99 1.23
CA TYR A 104 -6.31 12.03 1.39
C TYR A 104 -6.66 12.38 2.83
N LEU A 105 -5.97 11.73 3.77
CA LEU A 105 -6.22 11.92 5.19
C LEU A 105 -5.86 13.32 5.65
N ARG A 106 -4.72 13.81 5.15
CA ARG A 106 -4.17 15.13 5.49
C ARG A 106 -5.00 16.28 4.95
N GLU A 107 -5.64 16.08 3.79
CA GLU A 107 -6.31 17.15 3.02
C GLU A 107 -7.81 17.10 3.07
N CYS A 108 -8.36 16.22 3.90
CA CYS A 108 -9.80 15.93 3.94
C CYS A 108 -10.61 16.77 4.94
N ASN A 109 -11.91 16.88 4.69
CA ASN A 109 -12.87 17.42 5.66
C ASN A 109 -13.24 16.30 6.65
N ARG A 110 -12.93 16.53 7.92
CA ARG A 110 -13.01 15.47 8.94
C ARG A 110 -14.44 15.17 9.36
N GLN A 111 -15.35 16.06 8.98
CA GLN A 111 -16.78 15.86 9.21
C GLN A 111 -17.37 14.83 8.24
N GLU A 112 -16.93 14.89 6.99
CA GLU A 112 -17.28 13.94 5.96
C GLU A 112 -16.46 12.67 6.16
N VAL A 113 -15.14 12.81 6.35
CA VAL A 113 -14.24 11.71 6.73
C VAL A 113 -14.12 11.63 8.25
N ASN A 114 -15.22 11.29 8.90
CA ASN A 114 -15.27 11.20 10.36
C ASN A 114 -14.77 9.85 10.88
N ALA A 115 -14.92 9.61 12.18
CA ALA A 115 -14.36 8.44 12.83
C ALA A 115 -14.95 7.13 12.27
N VAL A 116 -16.23 7.13 11.90
CA VAL A 116 -16.72 5.86 11.34
C VAL A 116 -16.10 5.56 9.97
N VAL A 117 -15.92 6.59 9.15
CA VAL A 117 -15.21 6.43 7.86
C VAL A 117 -13.76 5.94 8.08
N LEU A 118 -13.08 6.46 9.11
CA LEU A 118 -11.73 6.01 9.40
C LEU A 118 -11.72 4.52 9.74
N LEU A 119 -12.71 4.09 10.52
CA LEU A 119 -12.77 2.70 10.94
C LEU A 119 -13.24 1.81 9.78
N TYR A 120 -14.10 2.33 8.95
CA TYR A 120 -14.44 1.61 7.76
C TYR A 120 -13.21 1.46 6.83
N MET A 121 -12.38 2.48 6.72
CA MET A 121 -11.19 2.43 5.86
C MET A 121 -10.20 1.39 6.38
N ALA A 122 -10.02 1.35 7.70
CA ALA A 122 -9.19 0.37 8.37
C ALA A 122 -9.62 -1.10 8.16
N THR A 123 -10.92 -1.39 8.33
CA THR A 123 -11.55 -2.68 7.99
C THR A 123 -11.34 -3.08 6.51
N GLN A 124 -11.42 -2.13 5.58
CA GLN A 124 -11.12 -2.47 4.17
C GLN A 124 -9.68 -2.94 4.04
N ILE A 125 -8.74 -2.24 4.68
CA ILE A 125 -7.35 -2.63 4.58
C ILE A 125 -7.08 -3.97 5.23
N SER A 126 -7.68 -4.21 6.39
CA SER A 126 -7.43 -5.43 7.13
C SER A 126 -7.93 -6.63 6.29
N SER A 127 -9.01 -6.40 5.56
CA SER A 127 -9.58 -7.40 4.69
C SER A 127 -8.67 -7.72 3.50
N ALA A 128 -8.13 -6.67 2.86
CA ALA A 128 -7.10 -6.83 1.84
C ALA A 128 -5.90 -7.66 2.31
N MET A 129 -5.48 -7.45 3.56
CA MET A 129 -4.28 -8.09 4.09
C MET A 129 -4.59 -9.55 4.49
N GLU A 130 -5.84 -9.78 4.86
CA GLU A 130 -6.35 -11.10 5.14
C GLU A 130 -6.25 -11.97 3.88
N TYR A 131 -6.70 -11.44 2.78
CA TYR A 131 -6.57 -12.07 1.47
C TYR A 131 -5.12 -12.34 1.10
N LEU A 132 -4.26 -11.32 1.12
CA LEU A 132 -2.82 -11.52 0.91
C LEU A 132 -2.20 -12.61 1.80
N GLU A 133 -2.48 -12.60 3.10
CA GLU A 133 -2.02 -13.64 4.01
C GLU A 133 -2.43 -15.08 3.53
N LYS A 134 -3.72 -15.24 3.24
CA LYS A 134 -4.30 -16.48 2.72
C LYS A 134 -3.52 -16.95 1.47
N LYS A 135 -3.05 -15.96 0.71
CA LYS A 135 -2.29 -16.22 -0.49
C LYS A 135 -0.82 -16.40 -0.19
N ASN A 136 -0.44 -16.17 1.07
CA ASN A 136 0.96 -16.12 1.48
C ASN A 136 1.80 -15.06 0.73
N PHE A 137 1.21 -13.89 0.44
CA PHE A 137 1.98 -12.83 -0.19
C PHE A 137 2.43 -11.86 0.87
N ILE A 138 3.74 -11.61 0.96
CA ILE A 138 4.25 -10.58 1.85
C ILE A 138 4.34 -9.24 1.10
N HIS A 139 3.73 -8.20 1.68
CA HIS A 139 3.66 -6.92 1.00
C HIS A 139 5.00 -6.20 1.11
N ARG A 140 5.55 -6.07 2.33
CA ARG A 140 6.90 -5.49 2.56
C ARG A 140 6.99 -3.96 2.73
N ASP A 141 5.97 -3.24 2.25
CA ASP A 141 5.96 -1.78 2.33
C ASP A 141 4.54 -1.20 2.59
N LEU A 142 3.81 -1.78 3.55
CA LEU A 142 2.44 -1.32 3.85
C LEU A 142 2.49 0.00 4.64
N ALA A 143 1.72 1.00 4.17
CA ALA A 143 1.76 2.37 4.68
C ALA A 143 0.64 3.13 3.95
N ALA A 144 0.08 4.17 4.56
CA ALA A 144 -0.98 4.97 3.91
C ALA A 144 -0.59 5.44 2.52
N ARG A 145 0.72 5.60 2.28
CA ARG A 145 1.22 6.17 1.03
C ARG A 145 1.04 5.18 -0.11
N ASN A 146 0.91 3.91 0.26
CA ASN A 146 0.68 2.87 -0.70
C ASN A 146 -0.75 2.42 -0.82
N CYS A 147 -1.65 3.10 -0.11
CA CYS A 147 -3.09 2.81 -0.23
C CYS A 147 -3.74 3.90 -1.05
N LEU A 148 -4.85 3.56 -1.70
CA LEU A 148 -5.49 4.45 -2.65
C LEU A 148 -6.93 4.57 -2.28
N VAL A 149 -7.47 5.77 -2.48
CA VAL A 149 -8.89 6.03 -2.16
C VAL A 149 -9.64 6.25 -3.46
N GLY A 150 -10.77 5.56 -3.58
CA GLY A 150 -11.63 5.65 -4.73
C GLY A 150 -12.95 6.27 -4.31
N GLU A 151 -14.01 5.97 -5.04
CA GLU A 151 -15.35 6.53 -4.82
C GLU A 151 -15.98 6.03 -3.54
N ASN A 152 -16.48 6.99 -2.77
CA ASN A 152 -17.23 6.69 -1.59
C ASN A 152 -16.38 5.88 -0.60
N HIS A 153 -15.17 6.40 -0.33
CA HIS A 153 -14.22 5.88 0.68
C HIS A 153 -13.80 4.42 0.48
N LEU A 154 -13.88 3.97 -0.76
CA LEU A 154 -13.23 2.71 -1.16
C LEU A 154 -11.72 2.87 -1.02
N VAL A 155 -11.11 1.91 -0.33
CA VAL A 155 -9.66 1.84 -0.16
C VAL A 155 -9.12 0.57 -0.85
N LYS A 156 -8.03 0.74 -1.61
CA LYS A 156 -7.28 -0.38 -2.17
C LYS A 156 -5.80 -0.31 -1.77
N VAL A 157 -5.29 -1.47 -1.35
CA VAL A 157 -3.88 -1.62 -1.10
C VAL A 157 -3.15 -1.84 -2.43
N ALA A 158 -2.10 -1.05 -2.65
CA ALA A 158 -1.22 -1.16 -3.80
C ALA A 158 0.26 -1.22 -3.33
N ASP A 159 1.17 -1.21 -4.28
CA ASP A 159 2.58 -1.07 -4.03
C ASP A 159 3.13 -0.31 -5.21
N PHE A 160 3.45 0.97 -5.00
CA PHE A 160 4.05 1.80 -6.04
C PHE A 160 5.58 1.69 -6.24
N GLY A 161 6.26 0.75 -5.56
CA GLY A 161 7.77 0.70 -5.53
C GLY A 161 8.37 2.02 -5.00
N LEU A 162 7.83 2.53 -3.90
CA LEU A 162 8.11 3.89 -3.47
C LEU A 162 9.52 4.10 -2.92
N SER A 163 10.22 3.02 -2.61
CA SER A 163 11.55 3.14 -2.04
C SER A 163 12.56 3.73 -3.06
N ARG A 164 12.30 3.52 -4.34
CA ARG A 164 13.14 4.10 -5.39
C ARG A 164 12.59 5.41 -5.97
N LEU A 165 11.54 5.98 -5.36
CA LEU A 165 10.89 7.16 -5.94
C LEU A 165 10.74 8.33 -4.96
N MET A 166 10.50 8.03 -3.70
CA MET A 166 10.38 9.08 -2.68
C MET A 166 11.75 9.56 -2.21
N THR A 167 11.91 10.88 -2.23
CA THR A 167 13.09 11.56 -1.71
C THR A 167 12.75 11.97 -0.29
N GLY A 168 13.76 12.05 0.56
CA GLY A 168 13.54 12.46 1.92
C GLY A 168 13.78 11.33 2.88
N ASP A 169 13.32 11.52 4.11
CA ASP A 169 13.62 10.61 5.20
C ASP A 169 12.69 9.40 5.39
N THR A 170 11.68 9.24 4.52
CA THR A 170 10.76 8.12 4.64
C THR A 170 11.50 6.79 4.54
N TYR A 171 12.41 6.66 3.58
CA TYR A 171 13.25 5.48 3.35
C TYR A 171 14.68 5.88 3.66
N THR A 172 15.31 5.13 4.55
CA THR A 172 16.61 5.55 5.09
C THR A 172 17.45 4.32 5.37
N ALA A 173 18.72 4.55 5.70
CA ALA A 173 19.63 3.46 6.04
C ALA A 173 19.48 3.06 7.51
N HIS A 174 19.46 1.76 7.78
CA HIS A 174 19.58 1.26 9.14
C HIS A 174 20.53 0.09 9.06
N ALA A 175 21.68 0.21 9.73
CA ALA A 175 22.73 -0.82 9.65
C ALA A 175 23.11 -1.21 8.20
N GLY A 176 23.25 -0.22 7.32
CA GLY A 176 23.78 -0.48 5.97
C GLY A 176 22.79 -1.00 4.95
N ALA A 177 21.49 -1.07 5.33
CA ALA A 177 20.39 -1.39 4.43
C ALA A 177 19.29 -0.30 4.44
N LYS A 178 18.39 -0.33 3.47
CA LYS A 178 17.41 0.73 3.29
C LYS A 178 16.03 0.25 3.74
N PHE A 179 15.35 1.05 4.56
CA PHE A 179 14.05 0.68 5.13
C PHE A 179 13.14 1.89 5.26
N PRO A 180 11.82 1.68 5.11
CA PRO A 180 10.95 2.72 5.69
C PRO A 180 10.88 2.45 7.23
N ILE A 181 11.81 3.05 7.94
CA ILE A 181 12.15 2.66 9.32
C ILE A 181 10.94 2.69 10.25
N LYS A 182 10.14 3.73 10.12
CA LYS A 182 8.98 3.93 10.98
C LYS A 182 7.88 2.88 10.83
N TRP A 183 7.92 2.11 9.74
CA TRP A 183 6.88 1.09 9.46
C TRP A 183 7.46 -0.28 9.64
N THR A 184 8.75 -0.34 9.96
CA THR A 184 9.51 -1.58 9.88
C THR A 184 9.60 -2.34 11.22
N ALA A 185 9.14 -3.60 11.23
CA ALA A 185 9.25 -4.50 12.38
C ALA A 185 10.71 -4.63 12.88
N PRO A 186 10.91 -4.72 14.23
CA PRO A 186 12.30 -4.71 14.78
C PRO A 186 13.16 -5.84 14.20
N GLU A 187 12.57 -7.01 14.03
CA GLU A 187 13.29 -8.16 13.49
C GLU A 187 13.67 -7.97 12.02
N SER A 188 12.90 -7.15 11.31
CA SER A 188 13.21 -6.76 9.91
C SER A 188 14.36 -5.76 9.88
N LEU A 189 14.40 -4.86 10.87
CA LEU A 189 15.49 -3.89 10.99
C LEU A 189 16.82 -4.57 11.34
N ALA A 190 16.75 -5.53 12.26
CA ALA A 190 17.93 -6.20 12.75
C ALA A 190 18.46 -7.31 11.83
N TYR A 191 17.56 -8.10 11.23
CA TYR A 191 17.95 -9.28 10.44
C TYR A 191 17.62 -9.20 8.95
N ASN A 192 17.13 -8.04 8.51
CA ASN A 192 16.71 -7.80 7.13
C ASN A 192 15.90 -8.94 6.46
N LYS A 193 15.15 -9.70 7.29
CA LYS A 193 14.14 -10.64 6.79
C LYS A 193 12.67 -10.23 7.17
N PHE A 194 11.73 -10.65 6.32
CA PHE A 194 10.37 -10.18 6.36
C PHE A 194 9.42 -11.37 6.44
N SER A 195 8.21 -11.12 6.94
CA SER A 195 7.18 -12.12 7.09
C SER A 195 5.85 -11.43 7.06
N ILE A 196 4.78 -12.20 6.86
CA ILE A 196 3.41 -11.75 7.15
C ILE A 196 3.26 -11.03 8.48
N LYS A 197 3.89 -11.55 9.53
CA LYS A 197 3.94 -10.88 10.86
C LYS A 197 4.67 -9.53 10.86
N SER A 198 5.62 -9.31 9.93
CA SER A 198 6.23 -7.97 9.78
C SER A 198 5.26 -7.00 9.07
N ASP A 199 4.48 -7.51 8.13
CA ASP A 199 3.34 -6.78 7.56
C ASP A 199 2.32 -6.43 8.64
N VAL A 200 2.12 -7.33 9.59
CA VAL A 200 1.21 -7.04 10.73
C VAL A 200 1.72 -5.86 11.55
N TRP A 201 3.03 -5.83 11.83
CA TRP A 201 3.64 -4.63 12.39
C TRP A 201 3.34 -3.37 11.54
N ALA A 202 3.54 -3.46 10.23
CA ALA A 202 3.32 -2.31 9.34
C ALA A 202 1.86 -1.89 9.47
N PHE A 203 0.95 -2.87 9.47
CA PHE A 203 -0.48 -2.62 9.60
C PHE A 203 -0.84 -1.77 10.83
N GLY A 204 -0.18 -2.03 11.95
CA GLY A 204 -0.42 -1.29 13.20
C GLY A 204 -0.01 0.16 13.10
N VAL A 205 1.07 0.42 12.35
CA VAL A 205 1.53 1.80 12.13
C VAL A 205 0.54 2.48 11.18
N LEU A 206 0.11 1.79 10.13
CA LEU A 206 -0.91 2.31 9.21
C LEU A 206 -2.23 2.69 9.93
N LEU A 207 -2.60 1.88 10.92
CA LEU A 207 -3.73 2.15 11.78
C LEU A 207 -3.58 3.51 12.49
N TRP A 208 -2.39 3.75 13.02
CA TRP A 208 -2.04 4.99 13.74
C TRP A 208 -2.07 6.14 12.73
N GLU A 209 -1.55 5.90 11.54
CA GLU A 209 -1.71 6.88 10.47
C GLU A 209 -3.19 7.28 10.23
N ILE A 210 -4.06 6.30 10.10
CA ILE A 210 -5.46 6.59 9.81
C ILE A 210 -6.01 7.39 10.97
N ALA A 211 -5.69 6.95 12.20
CA ALA A 211 -6.29 7.51 13.43
C ALA A 211 -5.91 8.98 13.69
N THR A 212 -4.77 9.39 13.14
CA THR A 212 -4.26 10.74 13.31
C THR A 212 -4.49 11.63 12.10
N TYR A 213 -5.22 11.13 11.10
CA TYR A 213 -5.36 11.83 9.83
C TYR A 213 -4.03 12.08 9.08
N GLY A 214 -3.11 11.11 9.10
CA GLY A 214 -1.89 11.16 8.29
C GLY A 214 -0.66 11.85 8.89
N MET A 215 -0.61 11.94 10.21
CA MET A 215 0.59 12.39 10.90
C MET A 215 1.76 11.41 10.67
N SER A 216 2.97 11.96 10.69
CA SER A 216 4.19 11.17 10.56
C SER A 216 4.37 10.45 11.88
N PRO A 217 4.58 9.11 11.84
CA PRO A 217 4.71 8.33 13.09
C PRO A 217 5.90 8.72 13.98
N TYR A 218 5.86 8.28 15.24
CA TYR A 218 6.88 8.59 16.27
C TYR A 218 7.21 10.10 16.25
N PRO A 219 6.18 10.95 16.47
CA PRO A 219 6.50 12.36 16.67
C PRO A 219 7.35 12.59 17.93
N GLY A 220 8.34 13.47 17.81
CA GLY A 220 9.18 13.84 18.95
C GLY A 220 10.42 12.98 19.11
N ILE A 221 10.53 11.97 18.24
CA ILE A 221 11.58 10.97 18.36
C ILE A 221 12.46 11.10 17.14
N ASP A 222 13.77 11.00 17.34
CA ASP A 222 14.71 10.97 16.22
C ASP A 222 14.80 9.55 15.67
N LEU A 223 14.74 9.47 14.35
CA LEU A 223 14.74 8.24 13.60
C LEU A 223 15.88 7.29 14.00
N SER A 224 17.05 7.83 14.27
CA SER A 224 18.18 7.00 14.65
C SER A 224 17.87 6.36 15.98
N GLN A 225 16.84 6.88 16.65
CA GLN A 225 16.46 6.44 17.99
C GLN A 225 15.40 5.33 18.10
N VAL A 226 14.68 5.00 17.02
CA VAL A 226 13.48 4.12 17.12
C VAL A 226 13.78 2.68 17.53
N TYR A 227 14.82 2.06 16.95
CA TYR A 227 15.11 0.67 17.32
C TYR A 227 15.38 0.53 18.82
N GLU A 228 16.26 1.37 19.35
CA GLU A 228 16.63 1.27 20.75
C GLU A 228 15.40 1.50 21.61
N LEU A 229 14.52 2.39 21.17
CA LEU A 229 13.32 2.72 21.96
C LEU A 229 12.33 1.58 21.98
N LEU A 230 12.16 0.93 20.82
CA LEU A 230 11.26 -0.20 20.66
C LEU A 230 11.74 -1.33 21.53
N GLU A 231 13.06 -1.45 21.61
CA GLU A 231 13.66 -2.49 22.42
C GLU A 231 13.43 -2.25 23.91
N LYS A 232 13.43 -0.98 24.30
CA LYS A 232 13.06 -0.59 25.66
C LYS A 232 11.54 -0.55 25.87
N ASP A 233 10.77 -1.06 24.89
CA ASP A 233 9.29 -1.22 25.00
C ASP A 233 8.46 0.07 24.84
N TYR A 234 9.10 1.12 24.36
CA TYR A 234 8.41 2.32 23.94
C TYR A 234 7.54 1.96 22.74
N ARG A 235 6.28 2.39 22.77
CA ARG A 235 5.37 2.37 21.60
C ARG A 235 4.67 3.71 21.50
N MET A 236 4.16 4.03 20.32
CA MET A 236 3.38 5.24 20.17
C MET A 236 2.15 5.20 21.10
N GLU A 237 1.80 6.37 21.59
CA GLU A 237 0.62 6.56 22.42
C GLU A 237 -0.67 6.52 21.63
N ARG A 238 -1.78 6.24 22.32
CA ARG A 238 -3.11 6.34 21.72
C ARG A 238 -3.36 7.75 21.18
N PRO A 239 -3.69 7.86 19.89
CA PRO A 239 -4.09 9.14 19.32
C PRO A 239 -5.43 9.65 19.90
N GLU A 240 -5.59 10.96 19.97
CA GLU A 240 -6.87 11.57 20.37
C GLU A 240 -8.10 11.00 19.61
N GLY A 241 -9.11 10.57 20.35
CA GLY A 241 -10.35 10.06 19.75
C GLY A 241 -10.31 8.64 19.18
N CYS A 242 -9.16 7.98 19.32
CA CYS A 242 -9.00 6.62 18.81
C CYS A 242 -9.78 5.64 19.69
N PRO A 243 -10.61 4.78 19.09
CA PRO A 243 -11.33 3.80 19.89
C PRO A 243 -10.40 2.84 20.64
N GLU A 244 -10.62 2.71 21.94
CA GLU A 244 -9.88 1.77 22.83
C GLU A 244 -9.47 0.44 22.16
N LYS A 245 -10.43 -0.24 21.55
CA LYS A 245 -10.21 -1.55 20.90
C LYS A 245 -9.32 -1.47 19.66
N VAL A 246 -9.27 -0.28 19.04
CA VAL A 246 -8.43 -0.04 17.88
C VAL A 246 -6.99 0.17 18.33
N TYR A 247 -6.79 1.01 19.34
CA TYR A 247 -5.49 1.10 19.98
C TYR A 247 -4.96 -0.23 20.55
N GLU A 248 -5.82 -1.06 21.11
CA GLU A 248 -5.36 -2.32 21.62
C GLU A 248 -4.89 -3.22 20.46
N LEU A 249 -5.57 -3.09 19.34
CA LEU A 249 -5.16 -3.78 18.13
C LEU A 249 -3.77 -3.33 17.66
N MET A 250 -3.48 -2.02 17.77
CA MET A 250 -2.18 -1.42 17.41
C MET A 250 -1.09 -2.04 18.24
N ARG A 251 -1.29 -1.95 19.56
CA ARG A 251 -0.41 -2.52 20.58
C ARG A 251 -0.18 -4.04 20.42
N ALA A 252 -1.17 -4.75 19.92
CA ALA A 252 -0.98 -6.16 19.60
C ALA A 252 -0.10 -6.35 18.35
N CYS A 253 -0.32 -5.53 17.31
CA CYS A 253 0.47 -5.57 16.07
C CYS A 253 1.93 -5.21 16.34
N TRP A 254 2.17 -4.57 17.47
CA TRP A 254 3.50 -4.10 17.80
C TRP A 254 4.16 -4.91 18.93
N GLN A 255 3.69 -6.14 19.14
CA GLN A 255 4.37 -7.06 20.02
C GLN A 255 5.77 -7.34 19.46
N TRP A 256 6.78 -7.32 20.32
CA TRP A 256 8.18 -7.58 19.93
C TRP A 256 8.37 -8.89 19.14
N ASN A 257 7.82 -9.96 19.68
CA ASN A 257 7.91 -11.29 19.09
C ASN A 257 6.78 -11.39 18.07
N PRO A 258 7.13 -11.66 16.77
CA PRO A 258 6.23 -11.82 15.63
C PRO A 258 5.16 -12.84 15.93
N SER A 259 5.51 -13.90 16.66
CA SER A 259 4.52 -14.92 16.99
C SER A 259 3.41 -14.46 17.96
N ASP A 260 3.64 -13.34 18.65
CA ASP A 260 2.62 -12.80 19.57
C ASP A 260 1.69 -11.81 18.89
N ARG A 261 2.02 -11.47 17.64
CA ARG A 261 1.19 -10.57 16.87
C ARG A 261 0.04 -11.38 16.27
N PRO A 262 -1.17 -10.76 16.16
CA PRO A 262 -2.27 -11.44 15.47
C PRO A 262 -2.02 -11.68 13.97
N SER A 263 -2.70 -12.68 13.44
CA SER A 263 -2.75 -12.89 12.02
C SER A 263 -3.66 -11.79 11.45
N PHE A 264 -3.63 -11.60 10.15
CA PHE A 264 -4.60 -10.69 9.54
C PHE A 264 -6.05 -11.25 9.61
N ALA A 265 -6.19 -12.58 9.53
CA ALA A 265 -7.51 -13.19 9.68
C ALA A 265 -8.07 -12.81 11.05
N GLU A 266 -7.23 -12.90 12.08
CA GLU A 266 -7.61 -12.51 13.43
C GLU A 266 -7.89 -11.03 13.54
N ILE A 267 -7.15 -10.22 12.78
CA ILE A 267 -7.30 -8.76 12.85
C ILE A 267 -8.64 -8.40 12.26
N HIS A 268 -8.97 -9.01 11.12
CA HIS A 268 -10.29 -8.80 10.55
C HIS A 268 -11.41 -9.23 11.51
N GLN A 269 -11.25 -10.35 12.20
CA GLN A 269 -12.23 -10.82 13.18
C GLN A 269 -12.43 -9.84 14.32
N ALA A 270 -11.33 -9.22 14.78
CA ALA A 270 -11.44 -8.15 15.77
C ALA A 270 -12.31 -6.98 15.25
N PHE A 271 -12.13 -6.59 14.00
CA PHE A 271 -13.04 -5.60 13.41
C PHE A 271 -14.53 -6.04 13.37
N GLU A 272 -14.81 -7.31 13.09
CA GLU A 272 -16.18 -7.80 12.96
C GLU A 272 -16.87 -7.81 14.31
N THR A 273 -16.04 -7.96 15.34
CA THR A 273 -16.44 -8.41 16.67
C THR A 273 -16.39 -7.29 17.69
N MET A 274 -15.92 -6.14 17.26
CA MET A 274 -15.53 -5.08 18.17
C MET A 274 -16.70 -4.40 18.84
C1 9DP B . -0.53 1.15 -11.29
N1 9DP B . 1.17 -1.31 -9.16
O1 9DP B . 0.08 -1.87 -7.27
CL1 9DP B . -0.82 1.42 -13.07
C2 9DP B . 0.19 0.07 -10.80
N2 9DP B . 1.71 -3.22 -7.99
O2 9DP B . 10.18 -2.91 -7.77
CL2 9DP B . 0.81 -1.12 -11.92
C3 9DP B . -1.02 2.05 -10.34
N3 9DP B . 2.15 -5.81 -5.61
O3 9DP B . 9.23 -1.05 -8.43
C4 9DP B . -0.77 1.83 -8.98
N4 9DP B . 2.49 -4.95 -6.67
C5 9DP B . -0.04 0.72 -8.52
N5 9DP B . 8.49 -4.57 -8.54
C6 9DP B . 0.45 -0.18 -9.46
C7 9DP B . 0.94 -2.13 -8.11
C8 9DP B . 1.53 -4.07 -6.97
C9 9DP B . 0.44 -4.35 -6.13
C10 9DP B . 0.89 -5.40 -5.32
C11 9DP B . 0.06 -6.00 -4.22
C12 9DP B . -1.14 -6.73 -4.82
C13 9DP B . -0.40 -4.91 -3.28
C14 9DP B . 0.85 -6.99 -3.39
C15 9DP B . 4.18 -6.33 -7.61
C16 9DP B . 3.72 -5.07 -7.20
C17 9DP B . 4.63 -4.02 -7.33
C18 9DP B . 5.44 -6.51 -8.10
C19 9DP B . 6.31 -5.44 -8.23
C20 9DP B . 5.91 -4.18 -7.83
C21 9DP B . 7.66 -5.72 -8.81
C22 9DP B . 8.07 -3.20 -8.72
C23 9DP B . 6.79 -2.95 -7.93
C24 9DP B . 9.22 -2.31 -8.29
#